data_6EI3
#
_entry.id   6EI3
#
_cell.length_a   138.060
_cell.length_b   65.230
_cell.length_c   70.340
_cell.angle_alpha   90.000
_cell.angle_beta   96.840
_cell.angle_gamma   90.000
#
_symmetry.space_group_name_H-M   'C 1 2 1'
#
loop_
_entity.id
_entity.type
_entity.pdbx_description
1 polymer 'Proton-dependent oligopeptide transporter family protein'
2 non-polymer (2S)-2,3-DIHYDROXYPROPYL(7Z)-PENTADEC-7-ENOATE
3 water water
#
_entity_poly.entity_id   1
_entity_poly.type   'polypeptide(L)'
_entity_poly.pdbx_seq_one_letter_code
;PRQIPFIIGNEACERFSFYGMRNILVQFLITSLLLQEVGAPERDAEAKHILHSFMIGVFFFPLLGGWLADRFFGKYTTII
WFSLIYCAGHACLALFEDSRSGFFVGLGLIAFGAGGIKPLVASFMVDQFDQSNKHRAKVVFDAFYWIINFGSLFASLLIP
LALKHLGPSWAFGIPGILMFIATAVFWLGRKRYVRVPLPPKDPHGFGAVVRSALLAHAPGQGRPGLALAAISVLLALACL
GLTEQLGLVICLCMALVLLLAGIGGGTWWQLERARGTHPDAAVDGVRALLRVLVIFALVTPFFSLFDQKASTWVLQGREM
RMPAWFTASQMQALNPLLVMLLIPFNNLVLYPLLRRLGWEPTSLRRMTSGIAFSGVAWIAVGAIQVAMDGGEPMHIAWQI
LPYALLTFGEVLVSATGIEFAYSQAPPSMKGVVMSFWYLTTTVGNLWVLLSNVAVRNATVTSHIADTGLSEAAFLMFFFA
AFAFLAALAFGLYARRYRMVDNYRPAGSENLYFQ
;
_entity_poly.pdbx_strand_id   A
#
loop_
_chem_comp.id
_chem_comp.type
_chem_comp.name
_chem_comp.formula
78M non-polymer (2S)-2,3-DIHYDROXYPROPYL(7Z)-PENTADEC-7-ENOATE 'C18 H34 O4'
#
# COMPACT_ATOMS: atom_id res chain seq x y z
N PRO A 1 6.62 -28.42 -8.63
CA PRO A 1 5.27 -28.99 -8.50
C PRO A 1 4.40 -28.64 -9.70
N ARG A 2 3.68 -29.63 -10.25
CA ARG A 2 2.82 -29.47 -11.44
C ARG A 2 1.68 -28.47 -11.30
N GLN A 3 1.36 -28.04 -10.06
CA GLN A 3 0.31 -27.04 -9.80
C GLN A 3 0.84 -25.62 -9.85
N ILE A 4 2.17 -25.42 -9.68
CA ILE A 4 2.80 -24.09 -9.66
C ILE A 4 2.50 -23.24 -10.97
N PRO A 5 2.46 -23.80 -12.20
CA PRO A 5 2.16 -22.94 -13.38
C PRO A 5 0.79 -22.26 -13.34
N PHE A 6 -0.21 -22.91 -12.74
CA PHE A 6 -1.57 -22.35 -12.60
C PHE A 6 -1.55 -21.14 -11.67
N ILE A 7 -0.68 -21.17 -10.63
CA ILE A 7 -0.47 -20.09 -9.65
CA ILE A 7 -0.52 -20.07 -9.68
C ILE A 7 0.26 -18.94 -10.34
N ILE A 8 1.31 -19.26 -11.15
CA ILE A 8 2.10 -18.24 -11.88
C ILE A 8 1.17 -17.51 -12.89
N GLY A 9 0.39 -18.29 -13.65
CA GLY A 9 -0.57 -17.76 -14.62
C GLY A 9 -1.58 -16.81 -13.99
N ASN A 10 -2.18 -17.24 -12.88
CA ASN A 10 -3.15 -16.43 -12.14
C ASN A 10 -2.48 -15.14 -11.63
N GLU A 11 -1.25 -15.25 -11.04
CA GLU A 11 -0.51 -14.09 -10.53
C GLU A 11 -0.19 -13.07 -11.65
N ALA A 12 0.29 -13.55 -12.81
CA ALA A 12 0.65 -12.68 -13.93
C ALA A 12 -0.56 -11.92 -14.48
N CYS A 13 -1.68 -12.63 -14.74
CA CYS A 13 -2.89 -11.98 -15.26
C CYS A 13 -3.51 -11.01 -14.28
N GLU A 14 -3.62 -11.39 -12.99
CA GLU A 14 -4.21 -10.51 -11.97
C GLU A 14 -3.38 -9.24 -11.76
N ARG A 15 -2.05 -9.34 -11.71
CA ARG A 15 -1.19 -8.17 -11.50
C ARG A 15 -1.24 -7.23 -12.69
N PHE A 16 -1.21 -7.77 -13.92
CA PHE A 16 -1.28 -6.93 -15.11
C PHE A 16 -2.62 -6.18 -15.11
N SER A 17 -3.70 -6.91 -14.80
CA SER A 17 -5.06 -6.39 -14.72
C SER A 17 -5.19 -5.26 -13.69
N PHE A 18 -4.64 -5.47 -12.48
CA PHE A 18 -4.73 -4.48 -11.41
C PHE A 18 -4.05 -3.19 -11.81
N TYR A 19 -2.78 -3.27 -12.22
CA TYR A 19 -2.02 -2.07 -12.60
C TYR A 19 -2.64 -1.37 -13.80
N GLY A 20 -3.15 -2.17 -14.73
CA GLY A 20 -3.83 -1.71 -15.93
C GLY A 20 -5.03 -0.85 -15.61
N MET A 21 -5.92 -1.32 -14.71
CA MET A 21 -7.07 -0.48 -14.36
C MET A 21 -6.68 0.70 -13.42
N ARG A 22 -5.83 0.45 -12.42
CA ARG A 22 -5.45 1.48 -11.43
C ARG A 22 -4.73 2.69 -12.03
N ASN A 23 -3.79 2.45 -12.98
CA ASN A 23 -2.93 3.44 -13.62
C ASN A 23 -3.64 4.28 -14.70
N ILE A 24 -4.88 3.95 -15.08
CA ILE A 24 -5.65 4.80 -16.01
C ILE A 24 -6.85 5.44 -15.30
N LEU A 25 -7.12 5.05 -14.05
CA LEU A 25 -8.31 5.51 -13.35
C LEU A 25 -8.47 7.04 -13.28
N VAL A 26 -7.45 7.78 -12.83
CA VAL A 26 -7.51 9.24 -12.72
C VAL A 26 -7.62 9.92 -14.11
N GLN A 27 -6.82 9.49 -15.11
CA GLN A 27 -6.88 10.06 -16.45
C GLN A 27 -8.26 9.80 -17.07
N PHE A 28 -8.85 8.61 -16.82
CA PHE A 28 -10.21 8.37 -17.31
C PHE A 28 -11.18 9.30 -16.54
N LEU A 29 -11.08 9.34 -15.18
CA LEU A 29 -12.05 10.12 -14.39
C LEU A 29 -12.10 11.62 -14.69
N ILE A 30 -10.94 12.26 -14.87
CA ILE A 30 -10.84 13.72 -15.01
C ILE A 30 -11.60 14.27 -16.24
N THR A 31 -11.81 13.49 -17.31
CA THR A 31 -12.57 13.95 -18.49
C THR A 31 -13.93 13.26 -18.59
N SER A 32 -14.31 12.50 -17.55
CA SER A 32 -15.57 11.77 -17.56
C SER A 32 -16.73 12.61 -17.02
N LEU A 33 -17.96 12.06 -17.10
CA LEU A 33 -19.19 12.63 -16.56
C LEU A 33 -19.49 12.05 -15.16
N LEU A 34 -18.53 11.27 -14.61
CA LEU A 34 -18.69 10.62 -13.31
C LEU A 34 -18.32 11.50 -12.12
N LEU A 35 -17.64 12.66 -12.35
CA LEU A 35 -17.27 13.59 -11.28
C LEU A 35 -18.38 14.60 -11.09
N GLN A 36 -18.76 14.88 -9.85
CA GLN A 36 -19.85 15.83 -9.63
C GLN A 36 -19.36 17.28 -9.51
N GLU A 37 -18.06 17.48 -9.26
CA GLU A 37 -17.49 18.84 -9.18
C GLU A 37 -17.42 19.48 -10.58
N VAL A 38 -17.43 20.82 -10.64
CA VAL A 38 -17.36 21.51 -11.93
C VAL A 38 -16.03 22.30 -12.11
N GLY A 39 -15.47 22.82 -11.03
CA GLY A 39 -14.22 23.59 -11.08
C GLY A 39 -13.02 22.67 -11.26
N ALA A 40 -12.01 23.12 -12.02
CA ALA A 40 -10.83 22.31 -12.30
C ALA A 40 -10.08 21.84 -11.03
N PRO A 41 -9.72 22.69 -10.01
CA PRO A 41 -9.03 22.13 -8.84
C PRO A 41 -9.90 21.21 -7.98
N GLU A 42 -11.23 21.46 -7.96
CA GLU A 42 -12.21 20.65 -7.22
C GLU A 42 -12.34 19.26 -7.88
N ARG A 43 -12.29 19.22 -9.22
CA ARG A 43 -12.37 17.96 -9.96
C ARG A 43 -11.07 17.16 -9.75
N ASP A 44 -9.90 17.86 -9.66
CA ASP A 44 -8.61 17.19 -9.37
C ASP A 44 -8.70 16.51 -8.00
N ALA A 45 -9.24 17.24 -7.00
CA ALA A 45 -9.39 16.71 -5.64
C ALA A 45 -10.35 15.52 -5.63
N GLU A 46 -11.49 15.63 -6.36
CA GLU A 46 -12.46 14.56 -6.46
C GLU A 46 -11.87 13.30 -7.11
N ALA A 47 -11.09 13.45 -8.20
CA ALA A 47 -10.46 12.29 -8.85
C ALA A 47 -9.46 11.64 -7.91
N LYS A 48 -8.68 12.44 -7.14
CA LYS A 48 -7.70 11.92 -6.14
C LYS A 48 -8.46 11.18 -5.04
N HIS A 49 -9.61 11.75 -4.60
CA HIS A 49 -10.43 11.18 -3.54
C HIS A 49 -10.85 9.77 -3.88
N ILE A 50 -11.33 9.54 -5.11
CA ILE A 50 -11.73 8.24 -5.59
C ILE A 50 -10.56 7.23 -5.65
N LEU A 51 -9.43 7.62 -6.27
CA LEU A 51 -8.25 6.77 -6.42
C LEU A 51 -7.70 6.33 -5.06
N HIS A 52 -7.50 7.31 -4.16
CA HIS A 52 -6.94 7.04 -2.86
C HIS A 52 -7.93 6.30 -1.95
N SER A 53 -9.26 6.49 -2.14
CA SER A 53 -10.27 5.71 -1.40
C SER A 53 -10.20 4.24 -1.86
N PHE A 54 -10.06 4.03 -3.17
CA PHE A 54 -9.88 2.72 -3.80
C PHE A 54 -8.62 2.00 -3.23
N MET A 55 -7.46 2.71 -3.18
CA MET A 55 -6.20 2.21 -2.61
C MET A 55 -6.40 1.83 -1.13
N ILE A 56 -7.18 2.62 -0.39
CA ILE A 56 -7.52 2.33 1.01
C ILE A 56 -8.20 0.96 1.12
N GLY A 57 -9.21 0.71 0.27
CA GLY A 57 -9.92 -0.56 0.26
C GLY A 57 -9.03 -1.72 -0.10
N VAL A 58 -8.21 -1.55 -1.16
CA VAL A 58 -7.28 -2.57 -1.64
C VAL A 58 -6.34 -3.04 -0.52
N PHE A 59 -5.85 -2.12 0.33
CA PHE A 59 -4.87 -2.46 1.36
C PHE A 59 -5.48 -2.64 2.75
N PHE A 60 -6.80 -2.47 2.87
CA PHE A 60 -7.50 -2.72 4.14
C PHE A 60 -8.13 -4.14 4.13
N PHE A 61 -8.82 -4.52 3.01
CA PHE A 61 -9.52 -5.81 2.89
C PHE A 61 -8.61 -7.06 3.01
N PRO A 62 -7.25 -7.03 2.88
CA PRO A 62 -6.45 -8.22 3.27
C PRO A 62 -6.79 -8.71 4.68
N LEU A 63 -7.24 -7.79 5.60
CA LEU A 63 -7.62 -8.18 6.97
C LEU A 63 -8.76 -9.21 6.93
N LEU A 64 -9.80 -8.94 6.12
CA LEU A 64 -10.95 -9.82 5.95
C LEU A 64 -10.57 -11.11 5.20
N GLY A 65 -9.82 -10.99 4.11
CA GLY A 65 -9.35 -12.15 3.33
C GLY A 65 -8.61 -13.18 4.18
N GLY A 66 -7.63 -12.74 4.95
CA GLY A 66 -6.81 -13.57 5.84
C GLY A 66 -7.62 -14.24 6.92
N TRP A 67 -8.57 -13.49 7.52
CA TRP A 67 -9.45 -13.98 8.59
C TRP A 67 -10.38 -15.06 8.06
N LEU A 68 -11.08 -14.81 6.94
CA LEU A 68 -11.99 -15.81 6.34
C LEU A 68 -11.24 -17.10 5.95
N ALA A 69 -10.06 -16.96 5.35
CA ALA A 69 -9.24 -18.10 4.94
C ALA A 69 -8.73 -18.90 6.15
N ASP A 70 -8.11 -18.22 7.13
CA ASP A 70 -7.53 -18.87 8.30
C ASP A 70 -8.51 -19.42 9.29
N ARG A 71 -9.72 -18.84 9.36
CA ARG A 71 -10.65 -19.30 10.39
C ARG A 71 -11.82 -20.10 9.85
N PHE A 72 -12.06 -20.08 8.53
CA PHE A 72 -13.21 -20.84 8.02
C PHE A 72 -13.03 -21.66 6.75
N PHE A 73 -12.54 -21.05 5.65
CA PHE A 73 -12.61 -21.72 4.37
C PHE A 73 -11.33 -22.22 3.75
N GLY A 74 -10.18 -21.86 4.29
CA GLY A 74 -8.94 -22.22 3.65
C GLY A 74 -8.67 -21.25 2.50
N LYS A 75 -7.46 -21.21 2.01
CA LYS A 75 -7.02 -20.25 0.98
C LYS A 75 -7.62 -20.48 -0.40
N TYR A 76 -7.72 -21.74 -0.87
CA TYR A 76 -8.30 -21.99 -2.20
C TYR A 76 -9.69 -21.38 -2.37
N THR A 77 -10.63 -21.74 -1.47
CA THR A 77 -12.03 -21.28 -1.53
C THR A 77 -12.13 -19.75 -1.44
N THR A 78 -11.37 -19.16 -0.52
CA THR A 78 -11.38 -17.72 -0.28
C THR A 78 -10.86 -16.99 -1.52
N ILE A 79 -9.76 -17.50 -2.14
CA ILE A 79 -9.21 -16.92 -3.36
C ILE A 79 -10.26 -16.94 -4.46
N ILE A 80 -10.90 -18.09 -4.67
CA ILE A 80 -11.92 -18.27 -5.71
C ILE A 80 -13.07 -17.26 -5.57
N TRP A 81 -13.64 -17.13 -4.35
CA TRP A 81 -14.78 -16.26 -4.13
C TRP A 81 -14.42 -14.79 -4.20
N PHE A 82 -13.27 -14.37 -3.65
CA PHE A 82 -12.84 -12.99 -3.79
C PHE A 82 -12.50 -12.68 -5.26
N SER A 83 -11.91 -13.65 -6.00
CA SER A 83 -11.59 -13.44 -7.42
C SER A 83 -12.84 -13.28 -8.28
N LEU A 84 -13.92 -13.97 -7.96
CA LEU A 84 -15.19 -13.87 -8.69
C LEU A 84 -15.84 -12.49 -8.42
N ILE A 85 -15.75 -12.00 -7.17
CA ILE A 85 -16.26 -10.68 -6.79
C ILE A 85 -15.45 -9.64 -7.59
N TYR A 86 -14.14 -9.85 -7.65
CA TYR A 86 -13.14 -9.04 -8.34
C TYR A 86 -13.55 -8.91 -9.81
N CYS A 87 -13.90 -10.07 -10.46
CA CYS A 87 -14.39 -10.16 -11.84
C CYS A 87 -15.69 -9.36 -12.00
N ALA A 88 -16.64 -9.50 -11.05
CA ALA A 88 -17.92 -8.79 -11.04
C ALA A 88 -17.72 -7.26 -11.00
N GLY A 89 -16.66 -6.81 -10.30
CA GLY A 89 -16.29 -5.40 -10.21
C GLY A 89 -15.83 -4.87 -11.55
N HIS A 90 -14.97 -5.66 -12.24
CA HIS A 90 -14.49 -5.34 -13.60
C HIS A 90 -15.65 -5.28 -14.58
N ALA A 91 -16.63 -6.18 -14.46
CA ALA A 91 -17.86 -6.22 -15.28
C ALA A 91 -18.73 -4.98 -14.99
N CYS A 92 -18.70 -4.47 -13.74
CA CYS A 92 -19.45 -3.27 -13.39
C CYS A 92 -18.86 -2.05 -14.09
N LEU A 93 -17.51 -1.99 -14.21
CA LEU A 93 -16.88 -0.88 -14.92
C LEU A 93 -17.30 -0.82 -16.42
N ALA A 94 -17.79 -1.97 -16.99
CA ALA A 94 -18.28 -2.13 -18.37
C ALA A 94 -19.76 -1.81 -18.46
N LEU A 95 -20.59 -2.50 -17.66
CA LEU A 95 -22.04 -2.32 -17.58
C LEU A 95 -22.45 -0.90 -17.15
N PHE A 96 -21.58 -0.21 -16.36
CA PHE A 96 -21.93 1.10 -15.80
C PHE A 96 -20.89 2.21 -15.99
N GLU A 97 -20.20 2.21 -17.13
CA GLU A 97 -19.18 3.19 -17.53
C GLU A 97 -19.71 4.64 -17.45
N ASP A 98 -20.98 4.86 -17.86
CA ASP A 98 -21.64 6.17 -17.86
C ASP A 98 -22.50 6.39 -16.60
N SER A 99 -22.39 5.50 -15.60
CA SER A 99 -23.18 5.58 -14.36
C SER A 99 -22.28 5.67 -13.14
N ARG A 100 -22.35 6.80 -12.43
CA ARG A 100 -21.58 7.09 -11.23
C ARG A 100 -21.77 6.00 -10.17
N SER A 101 -23.04 5.62 -9.92
CA SER A 101 -23.39 4.59 -8.94
C SER A 101 -22.80 3.21 -9.28
N GLY A 102 -23.02 2.75 -10.52
CA GLY A 102 -22.54 1.46 -10.96
C GLY A 102 -21.03 1.33 -11.07
N PHE A 103 -20.36 2.40 -11.56
CA PHE A 103 -18.92 2.44 -11.71
C PHE A 103 -18.25 2.45 -10.34
N PHE A 104 -18.86 3.14 -9.35
CA PHE A 104 -18.27 3.16 -8.00
C PHE A 104 -18.49 1.84 -7.27
N VAL A 105 -19.63 1.15 -7.54
CA VAL A 105 -19.90 -0.19 -6.99
C VAL A 105 -18.81 -1.13 -7.55
N GLY A 106 -18.54 -1.01 -8.85
CA GLY A 106 -17.47 -1.74 -9.55
C GLY A 106 -16.12 -1.55 -8.89
N LEU A 107 -15.72 -0.28 -8.62
CA LEU A 107 -14.46 0.00 -7.91
C LEU A 107 -14.44 -0.60 -6.53
N GLY A 108 -15.59 -0.55 -5.82
CA GLY A 108 -15.75 -1.13 -4.48
C GLY A 108 -15.53 -2.64 -4.50
N LEU A 109 -16.12 -3.32 -5.48
CA LEU A 109 -16.01 -4.77 -5.67
C LEU A 109 -14.59 -5.19 -6.05
N ILE A 110 -13.90 -4.35 -6.87
CA ILE A 110 -12.50 -4.59 -7.26
C ILE A 110 -11.62 -4.43 -6.05
N ALA A 111 -11.83 -3.35 -5.24
CA ALA A 111 -11.04 -3.11 -4.02
C ALA A 111 -11.17 -4.31 -3.06
N PHE A 112 -12.40 -4.77 -2.86
CA PHE A 112 -12.73 -5.90 -1.99
C PHE A 112 -12.10 -7.19 -2.47
N GLY A 113 -12.23 -7.47 -3.77
CA GLY A 113 -11.68 -8.68 -4.36
C GLY A 113 -10.16 -8.72 -4.33
N ALA A 114 -9.52 -7.63 -4.80
CA ALA A 114 -8.06 -7.49 -4.86
C ALA A 114 -7.48 -7.47 -3.47
N GLY A 115 -8.17 -6.82 -2.54
CA GLY A 115 -7.70 -6.78 -1.16
C GLY A 115 -7.78 -8.12 -0.47
N GLY A 116 -8.89 -8.83 -0.66
CA GLY A 116 -9.09 -10.13 -0.02
C GLY A 116 -8.11 -11.23 -0.40
N ILE A 117 -7.69 -11.29 -1.68
CA ILE A 117 -6.75 -12.33 -2.16
C ILE A 117 -5.28 -12.02 -1.84
N LYS A 118 -4.98 -10.72 -1.64
CA LYS A 118 -3.64 -10.20 -1.42
C LYS A 118 -2.81 -10.94 -0.35
N PRO A 119 -3.28 -11.26 0.88
CA PRO A 119 -2.38 -11.97 1.82
C PRO A 119 -2.43 -13.49 1.61
N LEU A 120 -3.17 -13.95 0.58
CA LEU A 120 -3.42 -15.38 0.37
C LEU A 120 -2.66 -16.03 -0.77
N VAL A 121 -2.46 -15.31 -1.88
CA VAL A 121 -1.82 -15.84 -3.07
CA VAL A 121 -1.82 -15.86 -3.07
C VAL A 121 -0.41 -16.40 -2.78
N ALA A 122 0.46 -15.60 -2.11
CA ALA A 122 1.82 -16.01 -1.79
C ALA A 122 1.89 -17.16 -0.82
N SER A 123 1.08 -17.11 0.25
CA SER A 123 0.99 -18.16 1.28
C SER A 123 0.50 -19.49 0.68
N PHE A 124 -0.53 -19.44 -0.22
CA PHE A 124 -1.06 -20.64 -0.89
C PHE A 124 -0.01 -21.24 -1.81
N MET A 125 0.81 -20.38 -2.44
CA MET A 125 1.89 -20.85 -3.32
C MET A 125 2.91 -21.66 -2.49
N VAL A 126 3.36 -21.12 -1.34
CA VAL A 126 4.36 -21.80 -0.47
C VAL A 126 3.81 -23.20 -0.02
N ASP A 127 2.49 -23.29 0.27
CA ASP A 127 1.79 -24.54 0.66
C ASP A 127 1.96 -25.66 -0.38
N GLN A 128 2.20 -25.32 -1.65
CA GLN A 128 2.32 -26.31 -2.72
C GLN A 128 3.61 -27.13 -2.65
N PHE A 129 4.60 -26.66 -1.87
CA PHE A 129 5.90 -27.32 -1.66
C PHE A 129 5.85 -28.15 -0.37
N ASP A 130 6.36 -29.40 -0.42
CA ASP A 130 6.40 -30.24 0.80
C ASP A 130 7.29 -29.56 1.87
N GLN A 131 6.99 -29.76 3.16
CA GLN A 131 7.63 -29.13 4.32
C GLN A 131 9.19 -29.20 4.33
N SER A 132 9.80 -30.19 3.62
CA SER A 132 11.24 -30.31 3.51
C SER A 132 11.81 -29.58 2.27
N ASN A 133 10.93 -28.95 1.46
CA ASN A 133 11.28 -28.23 0.24
C ASN A 133 10.76 -26.79 0.22
N LYS A 134 10.40 -26.23 1.39
CA LYS A 134 9.89 -24.87 1.57
C LYS A 134 10.84 -23.80 1.00
N HIS A 135 12.17 -24.06 1.06
CA HIS A 135 13.21 -23.15 0.55
C HIS A 135 13.13 -22.95 -0.98
N ARG A 136 12.60 -23.96 -1.71
CA ARG A 136 12.44 -23.95 -3.17
C ARG A 136 11.38 -22.93 -3.64
N ALA A 137 10.53 -22.44 -2.71
CA ALA A 137 9.53 -21.40 -3.01
C ALA A 137 10.20 -20.07 -3.36
N LYS A 138 11.48 -19.88 -2.95
CA LYS A 138 12.32 -18.69 -3.21
C LYS A 138 12.37 -18.37 -4.72
N VAL A 139 12.53 -19.42 -5.55
CA VAL A 139 12.59 -19.36 -7.02
C VAL A 139 11.25 -18.79 -7.56
N VAL A 140 10.13 -19.21 -6.97
CA VAL A 140 8.81 -18.71 -7.38
C VAL A 140 8.62 -17.26 -6.91
N PHE A 141 9.14 -16.90 -5.71
CA PHE A 141 9.06 -15.52 -5.22
C PHE A 141 9.89 -14.60 -6.14
N ASP A 142 11.04 -15.09 -6.62
CA ASP A 142 11.88 -14.40 -7.60
C ASP A 142 11.12 -14.18 -8.92
N ALA A 143 10.37 -15.19 -9.41
CA ALA A 143 9.53 -15.06 -10.61
C ALA A 143 8.41 -14.02 -10.39
N PHE A 144 7.77 -14.01 -9.18
CA PHE A 144 6.73 -13.02 -8.81
C PHE A 144 7.29 -11.59 -8.94
N TYR A 145 8.54 -11.37 -8.50
CA TYR A 145 9.20 -10.05 -8.63
C TYR A 145 9.24 -9.60 -10.09
N TRP A 146 9.69 -10.48 -11.00
CA TRP A 146 9.78 -10.15 -12.43
C TRP A 146 8.40 -9.99 -13.06
N ILE A 147 7.44 -10.83 -12.64
CA ILE A 147 6.05 -10.83 -13.13
C ILE A 147 5.33 -9.52 -12.72
N ILE A 148 5.48 -9.09 -11.47
CA ILE A 148 4.89 -7.86 -10.99
C ILE A 148 5.44 -6.67 -11.76
N ASN A 149 6.77 -6.57 -11.90
CA ASN A 149 7.39 -5.42 -12.56
C ASN A 149 7.17 -5.38 -14.06
N PHE A 150 7.33 -6.50 -14.77
CA PHE A 150 7.06 -6.51 -16.20
C PHE A 150 5.57 -6.31 -16.51
N GLY A 151 4.70 -6.89 -15.69
CA GLY A 151 3.25 -6.73 -15.81
C GLY A 151 2.79 -5.30 -15.58
N SER A 152 3.35 -4.63 -14.56
CA SER A 152 3.08 -3.23 -14.23
C SER A 152 3.64 -2.31 -15.35
N LEU A 153 4.86 -2.59 -15.82
CA LEU A 153 5.48 -1.81 -16.88
C LEU A 153 4.65 -1.86 -18.18
N PHE A 154 4.30 -3.08 -18.63
CA PHE A 154 3.52 -3.27 -19.86
C PHE A 154 2.11 -2.71 -19.74
N ALA A 155 1.46 -2.92 -18.57
CA ALA A 155 0.11 -2.39 -18.30
C ALA A 155 0.11 -0.86 -18.39
N SER A 156 1.15 -0.21 -17.83
CA SER A 156 1.29 1.24 -17.85
C SER A 156 1.58 1.79 -19.23
N LEU A 157 2.27 1.02 -20.08
CA LEU A 157 2.55 1.48 -21.42
C LEU A 157 1.38 1.21 -22.38
N LEU A 158 0.65 0.09 -22.20
CA LEU A 158 -0.40 -0.32 -23.14
C LEU A 158 -1.82 0.24 -22.84
N ILE A 159 -2.33 0.02 -21.62
CA ILE A 159 -3.69 0.39 -21.23
C ILE A 159 -3.98 1.92 -21.43
N PRO A 160 -3.08 2.86 -21.10
CA PRO A 160 -3.35 4.28 -21.40
C PRO A 160 -3.52 4.58 -22.89
N LEU A 161 -2.86 3.80 -23.78
CA LEU A 161 -2.96 3.92 -25.24
C LEU A 161 -4.32 3.38 -25.69
N ALA A 162 -4.80 2.28 -25.08
CA ALA A 162 -6.15 1.75 -25.34
C ALA A 162 -7.19 2.83 -24.93
N LEU A 163 -6.98 3.50 -23.78
CA LEU A 163 -7.88 4.56 -23.30
C LEU A 163 -7.92 5.72 -24.29
N LYS A 164 -6.74 6.22 -24.66
CA LYS A 164 -6.60 7.37 -25.54
C LYS A 164 -7.15 7.14 -26.95
N HIS A 165 -6.86 5.97 -27.56
CA HIS A 165 -7.25 5.76 -28.96
C HIS A 165 -8.48 4.90 -29.18
N LEU A 166 -8.78 3.98 -28.24
CA LEU A 166 -9.92 3.08 -28.39
C LEU A 166 -11.10 3.45 -27.49
N GLY A 167 -10.83 4.04 -26.33
CA GLY A 167 -11.91 4.42 -25.43
C GLY A 167 -11.99 3.59 -24.15
N PRO A 168 -12.86 4.02 -23.20
CA PRO A 168 -12.94 3.36 -21.88
C PRO A 168 -13.36 1.89 -21.84
N SER A 169 -14.31 1.49 -22.69
CA SER A 169 -14.78 0.10 -22.80
C SER A 169 -13.61 -0.82 -23.16
N TRP A 170 -12.65 -0.33 -23.97
CA TRP A 170 -11.48 -1.13 -24.33
C TRP A 170 -10.45 -1.08 -23.24
N ALA A 171 -10.20 0.11 -22.68
CA ALA A 171 -9.18 0.29 -21.65
C ALA A 171 -9.52 -0.43 -20.33
N PHE A 172 -10.80 -0.47 -19.93
CA PHE A 172 -11.19 -1.19 -18.73
C PHE A 172 -11.54 -2.64 -19.11
N GLY A 173 -11.99 -2.86 -20.35
CA GLY A 173 -12.31 -4.20 -20.86
C GLY A 173 -11.14 -5.17 -20.89
N ILE A 174 -9.94 -4.72 -21.33
CA ILE A 174 -8.72 -5.55 -21.37
C ILE A 174 -8.37 -6.07 -19.93
N PRO A 175 -8.15 -5.20 -18.90
CA PRO A 175 -7.91 -5.74 -17.54
C PRO A 175 -9.03 -6.64 -17.04
N GLY A 176 -10.27 -6.37 -17.44
CA GLY A 176 -11.42 -7.19 -17.05
C GLY A 176 -11.31 -8.61 -17.58
N ILE A 177 -10.96 -8.74 -18.87
CA ILE A 177 -10.77 -10.07 -19.51
C ILE A 177 -9.60 -10.83 -18.89
N LEU A 178 -8.51 -10.14 -18.59
CA LEU A 178 -7.34 -10.73 -17.96
C LEU A 178 -7.64 -11.26 -16.57
N MET A 179 -8.54 -10.59 -15.83
CA MET A 179 -8.97 -11.02 -14.50
C MET A 179 -9.85 -12.25 -14.63
N PHE A 180 -10.71 -12.29 -15.66
CA PHE A 180 -11.52 -13.47 -15.92
C PHE A 180 -10.59 -14.66 -16.19
N ILE A 181 -9.55 -14.43 -17.02
CA ILE A 181 -8.55 -15.44 -17.38
C ILE A 181 -7.76 -15.85 -16.14
N ALA A 182 -7.38 -14.86 -15.27
CA ALA A 182 -6.63 -15.15 -14.03
C ALA A 182 -7.43 -16.11 -13.15
N THR A 183 -8.75 -15.84 -12.99
CA THR A 183 -9.66 -16.64 -12.16
C THR A 183 -9.84 -18.03 -12.78
N ALA A 184 -10.04 -18.10 -14.12
CA ALA A 184 -10.19 -19.37 -14.83
C ALA A 184 -8.95 -20.24 -14.69
N VAL A 185 -7.75 -19.65 -14.85
CA VAL A 185 -6.48 -20.37 -14.75
C VAL A 185 -6.29 -20.92 -13.32
N PHE A 186 -6.59 -20.10 -12.29
CA PHE A 186 -6.49 -20.54 -10.89
C PHE A 186 -7.40 -21.79 -10.70
N TRP A 187 -8.67 -21.70 -11.15
CA TRP A 187 -9.66 -22.77 -11.08
C TRP A 187 -9.23 -24.05 -11.84
N LEU A 188 -8.53 -23.89 -12.97
CA LEU A 188 -8.05 -25.05 -13.75
C LEU A 188 -7.02 -25.93 -13.02
N GLY A 189 -6.32 -25.38 -12.03
CA GLY A 189 -5.40 -26.20 -11.25
C GLY A 189 -5.98 -26.75 -9.95
N ARG A 190 -7.32 -26.54 -9.69
CA ARG A 190 -8.02 -26.90 -8.44
C ARG A 190 -7.80 -28.33 -7.93
N LYS A 191 -7.87 -29.34 -8.82
CA LYS A 191 -7.72 -30.76 -8.46
C LYS A 191 -6.29 -31.14 -8.08
N ARG A 192 -5.32 -30.28 -8.36
CA ARG A 192 -3.88 -30.51 -8.12
C ARG A 192 -3.36 -29.81 -6.86
N TYR A 193 -4.08 -28.80 -6.34
CA TYR A 193 -3.57 -28.07 -5.18
C TYR A 193 -3.51 -28.84 -3.86
N VAL A 194 -2.51 -28.45 -3.04
CA VAL A 194 -2.33 -28.85 -1.65
C VAL A 194 -3.26 -27.89 -0.88
N ARG A 195 -4.20 -28.42 -0.05
CA ARG A 195 -5.11 -27.56 0.73
C ARG A 195 -4.85 -27.90 2.19
N VAL A 196 -3.99 -27.09 2.83
CA VAL A 196 -3.51 -27.36 4.19
C VAL A 196 -4.60 -27.11 5.25
N PRO A 197 -4.49 -27.68 6.49
CA PRO A 197 -5.52 -27.38 7.50
C PRO A 197 -5.56 -25.88 7.86
N LEU A 198 -6.62 -25.46 8.53
CA LEU A 198 -6.76 -24.10 9.05
C LEU A 198 -5.64 -23.96 10.10
N PRO A 199 -4.91 -22.82 10.18
CA PRO A 199 -3.82 -22.75 11.18
C PRO A 199 -4.34 -23.00 12.59
N PRO A 200 -3.61 -23.77 13.42
CA PRO A 200 -4.12 -24.03 14.78
C PRO A 200 -4.16 -22.75 15.60
N LYS A 201 -5.16 -22.64 16.50
CA LYS A 201 -5.29 -21.52 17.43
C LYS A 201 -4.07 -21.58 18.37
N ASP A 202 -3.26 -20.52 18.36
CA ASP A 202 -2.06 -20.48 19.17
C ASP A 202 -2.36 -19.85 20.54
N PRO A 203 -2.27 -20.63 21.64
CA PRO A 203 -2.53 -20.06 22.98
C PRO A 203 -1.52 -18.96 23.36
N HIS A 204 -0.39 -18.89 22.63
CA HIS A 204 0.64 -17.88 22.86
C HIS A 204 0.93 -17.05 21.58
N GLY A 205 -0.11 -16.84 20.78
CA GLY A 205 -0.08 -16.02 19.57
C GLY A 205 -0.32 -14.57 19.91
N PHE A 206 -0.13 -13.66 18.92
CA PHE A 206 -0.27 -12.20 19.10
C PHE A 206 -1.54 -11.78 19.81
N GLY A 207 -2.70 -12.18 19.27
CA GLY A 207 -4.02 -11.86 19.82
C GLY A 207 -4.20 -12.29 21.27
N ALA A 208 -3.84 -13.54 21.59
CA ALA A 208 -3.94 -14.10 22.95
C ALA A 208 -3.10 -13.34 23.97
N VAL A 209 -1.86 -12.94 23.59
CA VAL A 209 -0.93 -12.19 24.45
C VAL A 209 -1.46 -10.76 24.68
N VAL A 210 -2.00 -10.10 23.63
CA VAL A 210 -2.61 -8.75 23.72
C VAL A 210 -3.83 -8.81 24.67
N ARG A 211 -4.68 -9.85 24.50
CA ARG A 211 -5.88 -10.11 25.31
C ARG A 211 -5.47 -10.26 26.78
N SER A 212 -4.46 -11.12 27.05
CA SER A 212 -3.95 -11.34 28.41
C SER A 212 -3.32 -10.08 29.00
N ALA A 213 -2.55 -9.32 28.19
CA ALA A 213 -1.89 -8.07 28.62
C ALA A 213 -2.90 -7.02 29.07
N LEU A 214 -3.94 -6.75 28.24
CA LEU A 214 -4.97 -5.75 28.54
C LEU A 214 -5.91 -6.14 29.69
N LEU A 215 -6.34 -7.42 29.76
CA LEU A 215 -7.27 -7.91 30.80
C LEU A 215 -6.64 -8.23 32.15
N ALA A 216 -5.35 -8.66 32.19
CA ALA A 216 -4.68 -9.01 33.46
C ALA A 216 -4.63 -7.88 34.47
N HIS A 217 -4.95 -8.22 35.73
CA HIS A 217 -4.96 -7.30 36.85
C HIS A 217 -3.59 -7.29 37.54
N ALA A 218 -3.26 -6.16 38.21
CA ALA A 218 -2.03 -5.96 38.97
C ALA A 218 -2.38 -5.41 40.35
N PRO A 219 -1.70 -5.85 41.45
CA PRO A 219 -2.06 -5.33 42.78
C PRO A 219 -1.68 -3.87 43.00
N GLY A 220 -2.66 -3.09 43.46
CA GLY A 220 -2.53 -1.65 43.75
C GLY A 220 -2.16 -0.80 42.55
N GLN A 221 -2.77 -1.09 41.38
CA GLN A 221 -2.50 -0.37 40.15
C GLN A 221 -3.73 -0.01 39.32
N GLY A 222 -4.54 -1.03 38.99
CA GLY A 222 -5.70 -0.89 38.12
C GLY A 222 -5.33 -1.28 36.71
N ARG A 223 -6.06 -0.78 35.69
CA ARG A 223 -5.79 -1.11 34.28
C ARG A 223 -5.85 0.17 33.37
N PRO A 224 -4.81 1.03 33.36
CA PRO A 224 -4.88 2.24 32.51
C PRO A 224 -4.71 1.97 31.01
N GLY A 225 -4.11 0.83 30.68
CA GLY A 225 -3.92 0.40 29.30
C GLY A 225 -5.23 -0.05 28.68
N LEU A 226 -6.08 -0.77 29.47
CA LEU A 226 -7.40 -1.20 29.04
C LEU A 226 -8.30 0.04 28.90
N ALA A 227 -8.12 1.03 29.81
CA ALA A 227 -8.85 2.30 29.81
C ALA A 227 -8.57 3.07 28.52
N LEU A 228 -7.27 3.25 28.17
CA LEU A 228 -6.79 3.88 26.94
C LEU A 228 -7.38 3.15 25.72
N ALA A 229 -7.40 1.80 25.75
CA ALA A 229 -7.98 0.98 24.68
C ALA A 229 -9.50 1.22 24.55
N ALA A 230 -10.24 1.25 25.68
CA ALA A 230 -11.68 1.52 25.75
C ALA A 230 -12.03 2.92 25.21
N ILE A 231 -11.25 3.97 25.62
CA ILE A 231 -11.40 5.36 25.15
C ILE A 231 -11.18 5.45 23.63
N SER A 232 -10.19 4.70 23.10
CA SER A 232 -9.89 4.69 21.65
C SER A 232 -11.06 4.06 20.86
N VAL A 233 -11.74 3.05 21.46
CA VAL A 233 -12.91 2.39 20.85
C VAL A 233 -14.05 3.42 20.77
N LEU A 234 -14.20 4.25 21.82
CA LEU A 234 -15.22 5.30 21.91
C LEU A 234 -14.95 6.44 20.94
N LEU A 235 -13.67 6.85 20.80
CA LEU A 235 -13.25 7.88 19.86
C LEU A 235 -13.39 7.38 18.42
N ALA A 236 -13.15 6.08 18.18
CA ALA A 236 -13.31 5.42 16.87
C ALA A 236 -14.79 5.45 16.47
N LEU A 237 -15.71 5.19 17.45
CA LEU A 237 -17.16 5.21 17.22
C LEU A 237 -17.64 6.64 16.92
N ALA A 238 -17.06 7.65 17.63
CA ALA A 238 -17.39 9.07 17.45
C ALA A 238 -17.06 9.55 16.03
N CYS A 239 -16.02 8.95 15.38
CA CYS A 239 -15.60 9.24 14.00
C CYS A 239 -16.73 9.00 13.02
N LEU A 240 -17.51 7.91 13.21
CA LEU A 240 -18.67 7.57 12.36
C LEU A 240 -19.74 8.69 12.32
N GLY A 241 -19.63 9.66 13.23
CA GLY A 241 -20.49 10.84 13.31
C GLY A 241 -19.96 12.02 12.52
N LEU A 242 -18.82 11.85 11.80
CA LEU A 242 -18.23 12.90 10.97
C LEU A 242 -18.39 12.63 9.47
N THR A 243 -19.28 11.68 9.11
CA THR A 243 -19.52 11.22 7.74
C THR A 243 -19.97 12.38 6.82
N GLU A 244 -20.79 13.31 7.34
CA GLU A 244 -21.30 14.49 6.63
C GLU A 244 -20.20 15.42 6.11
N GLN A 245 -19.21 15.75 6.96
CA GLN A 245 -18.14 16.69 6.62
C GLN A 245 -16.86 16.06 6.07
N LEU A 246 -16.63 14.75 6.31
CA LEU A 246 -15.40 14.08 5.84
C LEU A 246 -15.63 12.92 4.86
N GLY A 247 -16.82 12.32 4.87
CA GLY A 247 -17.11 11.15 4.04
C GLY A 247 -16.80 9.88 4.83
N LEU A 248 -17.51 8.78 4.52
CA LEU A 248 -17.38 7.50 5.22
C LEU A 248 -15.96 6.89 5.20
N VAL A 249 -15.27 6.91 4.03
CA VAL A 249 -13.92 6.32 3.90
C VAL A 249 -12.93 6.98 4.89
N ILE A 250 -12.93 8.33 4.99
CA ILE A 250 -12.04 9.01 5.94
C ILE A 250 -12.39 8.62 7.38
N CYS A 251 -13.69 8.65 7.72
CA CYS A 251 -14.15 8.31 9.06
C CYS A 251 -13.77 6.92 9.50
N LEU A 252 -13.95 5.92 8.61
CA LEU A 252 -13.60 4.53 8.89
C LEU A 252 -12.08 4.39 9.13
N CYS A 253 -11.26 5.15 8.36
CA CYS A 253 -9.80 5.17 8.47
C CYS A 253 -9.30 5.85 9.71
N MET A 254 -9.90 6.98 10.10
CA MET A 254 -9.51 7.71 11.30
C MET A 254 -9.79 6.81 12.50
N ALA A 255 -10.94 6.08 12.47
CA ALA A 255 -11.34 5.13 13.49
C ALA A 255 -10.29 4.02 13.59
N LEU A 256 -9.82 3.51 12.43
CA LEU A 256 -8.76 2.48 12.37
C LEU A 256 -7.47 2.97 13.04
N VAL A 257 -7.02 4.20 12.72
CA VAL A 257 -5.82 4.82 13.30
C VAL A 257 -5.95 4.97 14.82
N LEU A 258 -7.15 5.37 15.29
CA LEU A 258 -7.45 5.51 16.72
C LEU A 258 -7.38 4.16 17.41
N LEU A 259 -8.00 3.11 16.81
CA LEU A 259 -7.95 1.75 17.37
C LEU A 259 -6.54 1.19 17.44
N LEU A 260 -5.69 1.48 16.41
CA LEU A 260 -4.30 1.00 16.39
C LEU A 260 -3.47 1.68 17.49
N ALA A 261 -3.61 3.00 17.65
CA ALA A 261 -2.86 3.75 18.65
C ALA A 261 -3.28 3.41 20.10
N GLY A 262 -4.58 3.39 20.36
CA GLY A 262 -5.14 3.12 21.68
C GLY A 262 -4.93 1.70 22.17
N ILE A 263 -5.31 0.69 21.35
CA ILE A 263 -5.13 -0.73 21.71
C ILE A 263 -3.62 -1.07 21.75
N GLY A 264 -2.87 -0.62 20.75
CA GLY A 264 -1.42 -0.81 20.67
C GLY A 264 -0.69 -0.21 21.87
N GLY A 265 -0.93 1.08 22.11
CA GLY A 265 -0.34 1.84 23.21
C GLY A 265 -0.79 1.35 24.57
N GLY A 266 -2.03 0.85 24.62
CA GLY A 266 -2.64 0.28 25.82
C GLY A 266 -2.01 -1.06 26.17
N THR A 267 -1.67 -1.85 25.13
CA THR A 267 -1.01 -3.16 25.25
C THR A 267 0.42 -2.94 25.72
N TRP A 268 1.11 -1.90 25.18
CA TRP A 268 2.47 -1.51 25.54
C TRP A 268 2.58 -1.20 27.04
N TRP A 269 1.55 -0.53 27.60
CA TRP A 269 1.44 -0.14 29.01
C TRP A 269 1.44 -1.33 29.97
N GLN A 270 0.67 -2.39 29.63
CA GLN A 270 0.45 -3.56 30.48
C GLN A 270 1.00 -4.88 29.94
N LEU A 271 1.91 -4.84 28.95
CA LEU A 271 2.46 -6.06 28.34
C LEU A 271 3.22 -6.96 29.34
N GLU A 272 3.88 -6.36 30.34
CA GLU A 272 4.59 -7.13 31.36
C GLU A 272 3.67 -8.03 32.21
N ARG A 273 2.35 -7.70 32.28
CA ARG A 273 1.35 -8.49 33.04
C ARG A 273 0.99 -9.82 32.34
N ALA A 274 1.52 -10.05 31.12
CA ALA A 274 1.31 -11.27 30.34
C ALA A 274 2.42 -12.32 30.60
N ARG A 275 3.59 -11.88 31.16
CA ARG A 275 4.81 -12.66 31.43
C ARG A 275 4.61 -13.99 32.16
N GLY A 276 3.58 -14.09 33.00
CA GLY A 276 3.28 -15.30 33.74
C GLY A 276 2.49 -16.29 32.89
N THR A 277 1.37 -15.79 32.33
CA THR A 277 0.41 -16.49 31.47
C THR A 277 1.04 -17.01 30.17
N HIS A 278 2.10 -16.33 29.65
CA HIS A 278 2.73 -16.66 28.38
C HIS A 278 4.27 -16.91 28.47
N PRO A 279 4.85 -17.73 27.55
CA PRO A 279 6.25 -18.17 27.69
C PRO A 279 7.43 -17.21 27.46
N ASP A 280 7.30 -15.90 27.73
CA ASP A 280 8.38 -14.89 27.59
C ASP A 280 8.78 -14.64 26.13
N ALA A 281 9.09 -15.68 25.33
CA ALA A 281 9.42 -15.53 23.90
C ALA A 281 8.18 -15.01 23.13
N ALA A 282 6.99 -15.24 23.70
CA ALA A 282 5.69 -14.79 23.20
C ALA A 282 5.48 -13.32 23.57
N VAL A 283 5.75 -12.95 24.86
CA VAL A 283 5.62 -11.58 25.39
C VAL A 283 6.65 -10.64 24.72
N ASP A 284 7.93 -11.08 24.63
CA ASP A 284 9.03 -10.34 23.97
C ASP A 284 8.68 -10.16 22.50
N GLY A 285 8.12 -11.20 21.88
CA GLY A 285 7.68 -11.20 20.50
C GLY A 285 6.61 -10.17 20.19
N VAL A 286 5.68 -9.94 21.14
CA VAL A 286 4.62 -8.94 21.02
C VAL A 286 5.24 -7.54 21.25
N ARG A 287 6.25 -7.42 22.16
CA ARG A 287 6.98 -6.17 22.41
C ARG A 287 7.69 -5.73 21.12
N ALA A 288 8.35 -6.68 20.44
CA ALA A 288 9.05 -6.47 19.19
C ALA A 288 8.07 -6.01 18.09
N LEU A 289 6.87 -6.66 18.01
CA LEU A 289 5.80 -6.32 17.07
C LEU A 289 5.31 -4.88 17.27
N LEU A 290 5.17 -4.43 18.53
CA LEU A 290 4.73 -3.07 18.84
C LEU A 290 5.78 -2.02 18.46
N ARG A 291 7.06 -2.35 18.60
CA ARG A 291 8.15 -1.47 18.18
C ARG A 291 8.11 -1.32 16.65
N VAL A 292 7.79 -2.42 15.94
CA VAL A 292 7.63 -2.48 14.48
C VAL A 292 6.47 -1.59 14.03
N LEU A 293 5.35 -1.64 14.78
CA LEU A 293 4.16 -0.83 14.51
C LEU A 293 4.52 0.67 14.52
N VAL A 294 5.43 1.09 15.44
CA VAL A 294 5.89 2.49 15.49
C VAL A 294 6.70 2.83 14.23
N ILE A 295 7.68 1.96 13.86
CA ILE A 295 8.49 2.11 12.65
C ILE A 295 7.55 2.22 11.42
N PHE A 296 6.56 1.31 11.31
CA PHE A 296 5.56 1.32 10.22
C PHE A 296 4.73 2.60 10.20
N ALA A 297 4.30 3.09 11.37
CA ALA A 297 3.51 4.34 11.47
C ALA A 297 4.27 5.54 10.89
N LEU A 298 5.58 5.58 11.15
CA LEU A 298 6.49 6.63 10.71
C LEU A 298 6.84 6.56 9.24
N VAL A 299 6.56 5.41 8.61
CA VAL A 299 6.76 5.14 7.18
C VAL A 299 5.49 5.53 6.37
N THR A 300 4.31 5.61 7.01
CA THR A 300 3.04 5.96 6.31
C THR A 300 3.18 7.22 5.39
N PRO A 301 3.93 8.32 5.74
CA PRO A 301 4.04 9.45 4.79
C PRO A 301 4.76 9.07 3.49
N PHE A 302 5.63 8.03 3.52
CA PHE A 302 6.25 7.58 2.28
C PHE A 302 5.15 7.10 1.30
N PHE A 303 4.18 6.35 1.80
CA PHE A 303 3.09 5.84 0.96
C PHE A 303 2.13 6.93 0.51
N SER A 304 2.01 8.05 1.30
CA SER A 304 1.23 9.23 0.91
C SER A 304 1.83 9.79 -0.37
N LEU A 305 3.15 9.87 -0.41
CA LEU A 305 3.89 10.41 -1.55
C LEU A 305 4.01 9.43 -2.70
N PHE A 306 4.18 8.15 -2.37
CA PHE A 306 4.35 7.11 -3.38
C PHE A 306 3.09 6.86 -4.22
N ASP A 307 1.92 6.67 -3.57
CA ASP A 307 0.66 6.34 -4.27
C ASP A 307 0.08 7.49 -5.13
N GLN A 308 0.56 8.73 -4.91
CA GLN A 308 0.14 9.89 -5.69
C GLN A 308 0.76 9.95 -7.11
N LYS A 309 1.65 9.01 -7.46
CA LYS A 309 2.16 8.97 -8.84
C LYS A 309 1.03 8.59 -9.84
N ALA A 310 -0.02 7.93 -9.32
CA ALA A 310 -1.15 7.51 -10.14
C ALA A 310 -2.28 8.55 -10.11
N SER A 311 -2.10 9.65 -9.36
CA SER A 311 -3.16 10.64 -9.26
C SER A 311 -2.60 12.04 -9.51
N THR A 312 -2.03 12.68 -8.48
CA THR A 312 -1.42 14.00 -8.57
C THR A 312 -0.40 14.10 -9.74
N TRP A 313 0.50 13.11 -9.90
CA TRP A 313 1.50 13.21 -10.97
C TRP A 313 0.88 13.05 -12.36
N VAL A 314 -0.14 12.20 -12.48
CA VAL A 314 -0.84 12.03 -13.76
C VAL A 314 -1.50 13.34 -14.16
N LEU A 315 -2.18 13.99 -13.20
CA LEU A 315 -2.88 15.26 -13.41
C LEU A 315 -1.90 16.36 -13.82
N GLN A 316 -0.68 16.32 -13.28
CA GLN A 316 0.39 17.24 -13.68
C GLN A 316 0.82 16.90 -15.12
N GLY A 317 1.10 15.62 -15.36
CA GLY A 317 1.55 15.12 -16.67
C GLY A 317 0.68 15.55 -17.84
N ARG A 318 -0.65 15.56 -17.63
CA ARG A 318 -1.65 15.93 -18.64
C ARG A 318 -1.46 17.34 -19.17
N GLU A 319 -0.91 18.26 -18.36
CA GLU A 319 -0.69 19.65 -18.75
C GLU A 319 0.73 19.88 -19.31
N MET A 320 1.55 18.84 -19.41
CA MET A 320 2.92 18.96 -19.89
C MET A 320 3.02 18.68 -21.40
N ARG A 321 4.09 19.14 -22.08
CA ARG A 321 4.26 18.90 -23.52
C ARG A 321 4.64 17.44 -23.78
N MET A 322 4.09 16.86 -24.84
CA MET A 322 4.35 15.48 -25.22
C MET A 322 3.95 15.25 -26.68
N PRO A 323 4.47 14.21 -27.38
CA PRO A 323 4.00 13.97 -28.76
C PRO A 323 2.58 13.42 -28.77
N ALA A 324 1.85 13.65 -29.87
CA ALA A 324 0.44 13.24 -30.07
C ALA A 324 0.17 11.78 -29.69
N TRP A 325 1.14 10.88 -29.94
CA TRP A 325 1.02 9.46 -29.64
C TRP A 325 1.15 9.12 -28.14
N PHE A 326 1.77 9.99 -27.33
CA PHE A 326 2.00 9.74 -25.89
C PHE A 326 0.85 10.20 -25.02
N THR A 327 0.70 9.60 -23.84
CA THR A 327 -0.35 10.03 -22.91
C THR A 327 0.26 10.03 -21.50
N ALA A 328 -0.12 11.02 -20.67
CA ALA A 328 0.43 11.23 -19.33
C ALA A 328 0.59 9.97 -18.44
N SER A 329 -0.45 9.11 -18.43
CA SER A 329 -0.49 7.87 -17.62
C SER A 329 0.66 6.91 -17.92
N GLN A 330 1.18 6.92 -19.16
CA GLN A 330 2.30 6.04 -19.54
C GLN A 330 3.58 6.25 -18.72
N MET A 331 3.74 7.45 -18.11
CA MET A 331 4.92 7.76 -17.28
C MET A 331 5.03 6.80 -16.10
N GLN A 332 3.90 6.22 -15.66
CA GLN A 332 3.88 5.25 -14.56
C GLN A 332 4.73 4.02 -14.85
N ALA A 333 5.04 3.75 -16.14
CA ALA A 333 5.92 2.62 -16.52
C ALA A 333 7.34 2.83 -16.00
N LEU A 334 7.70 4.09 -15.67
CA LEU A 334 9.04 4.38 -15.18
C LEU A 334 9.31 3.78 -13.82
N ASN A 335 8.27 3.63 -12.99
CA ASN A 335 8.46 3.07 -11.66
C ASN A 335 8.96 1.61 -11.71
N PRO A 336 8.26 0.62 -12.35
CA PRO A 336 8.80 -0.75 -12.40
C PRO A 336 10.11 -0.87 -13.17
N LEU A 337 10.33 -0.01 -14.20
CA LEU A 337 11.61 -0.02 -14.93
C LEU A 337 12.74 0.36 -13.95
N LEU A 338 12.52 1.42 -13.16
CA LEU A 338 13.51 1.92 -12.21
C LEU A 338 13.70 0.96 -11.01
N VAL A 339 12.66 0.24 -10.60
CA VAL A 339 12.79 -0.74 -9.54
C VAL A 339 13.77 -1.85 -10.06
N MET A 340 13.55 -2.31 -11.30
CA MET A 340 14.37 -3.37 -11.90
C MET A 340 15.80 -2.96 -12.13
N LEU A 341 16.05 -1.66 -12.37
CA LEU A 341 17.42 -1.16 -12.52
C LEU A 341 18.08 -0.92 -11.14
N LEU A 342 17.32 -0.28 -10.21
CA LEU A 342 17.83 0.17 -8.90
C LEU A 342 17.97 -0.92 -7.84
N ILE A 343 17.12 -1.97 -7.86
CA ILE A 343 17.29 -3.09 -6.93
C ILE A 343 18.74 -3.68 -7.13
N PRO A 344 19.18 -4.12 -8.35
CA PRO A 344 20.56 -4.61 -8.47
C PRO A 344 21.61 -3.50 -8.41
N PHE A 345 21.27 -2.24 -8.77
CA PHE A 345 22.28 -1.18 -8.63
C PHE A 345 22.62 -1.01 -7.13
N ASN A 346 21.60 -0.90 -6.27
CA ASN A 346 21.84 -0.76 -4.82
C ASN A 346 22.51 -2.02 -4.23
N ASN A 347 22.03 -3.22 -4.60
CA ASN A 347 22.58 -4.50 -4.13
C ASN A 347 23.99 -4.84 -4.60
N LEU A 348 24.33 -4.55 -5.86
CA LEU A 348 25.62 -4.89 -6.48
C LEU A 348 26.62 -3.73 -6.54
N VAL A 349 26.15 -2.47 -6.49
CA VAL A 349 27.07 -1.31 -6.61
C VAL A 349 27.06 -0.40 -5.37
N LEU A 350 25.91 0.24 -5.04
CA LEU A 350 25.79 1.23 -3.96
C LEU A 350 26.05 0.69 -2.54
N TYR A 351 25.36 -0.39 -2.11
CA TYR A 351 25.55 -0.94 -0.76
C TYR A 351 26.97 -1.48 -0.60
N PRO A 352 27.50 -2.33 -1.53
CA PRO A 352 28.91 -2.77 -1.40
C PRO A 352 29.91 -1.61 -1.35
N LEU A 353 29.69 -0.53 -2.13
CA LEU A 353 30.54 0.67 -2.13
C LEU A 353 30.55 1.27 -0.72
N LEU A 354 29.35 1.66 -0.22
CA LEU A 354 29.09 2.24 1.10
C LEU A 354 29.74 1.44 2.24
N ARG A 355 29.65 0.09 2.18
CA ARG A 355 30.25 -0.85 3.15
C ARG A 355 31.77 -0.73 3.14
N ARG A 356 32.38 -0.69 1.94
CA ARG A 356 33.84 -0.56 1.76
C ARG A 356 34.34 0.81 2.22
N LEU A 357 33.49 1.85 2.05
CA LEU A 357 33.78 3.24 2.41
C LEU A 357 33.63 3.55 3.91
N GLY A 358 33.03 2.63 4.68
CA GLY A 358 32.87 2.79 6.11
C GLY A 358 31.49 3.18 6.62
N TRP A 359 30.57 3.57 5.72
CA TRP A 359 29.20 3.94 6.11
C TRP A 359 28.32 2.73 5.85
N GLU A 360 28.05 1.94 6.91
CA GLU A 360 27.25 0.72 6.80
C GLU A 360 25.80 1.06 6.38
N PRO A 361 25.31 0.55 5.23
CA PRO A 361 23.93 0.84 4.83
C PRO A 361 22.95 -0.09 5.55
N THR A 362 22.76 0.15 6.86
CA THR A 362 21.87 -0.64 7.72
C THR A 362 20.43 -0.49 7.27
N SER A 363 19.57 -1.42 7.64
CA SER A 363 18.17 -1.39 7.25
C SER A 363 17.46 -0.08 7.72
N LEU A 364 17.77 0.42 8.92
CA LEU A 364 17.17 1.66 9.42
C LEU A 364 17.72 2.92 8.76
N ARG A 365 19.00 2.89 8.31
CA ARG A 365 19.62 3.99 7.56
C ARG A 365 19.01 4.06 6.17
N ARG A 366 18.78 2.90 5.55
CA ARG A 366 18.16 2.81 4.23
C ARG A 366 16.74 3.39 4.31
N MET A 367 15.99 3.00 5.36
CA MET A 367 14.62 3.46 5.52
C MET A 367 14.51 4.98 5.74
N THR A 368 15.37 5.55 6.62
CA THR A 368 15.41 7.01 6.87
C THR A 368 15.71 7.75 5.56
N SER A 369 16.78 7.29 4.84
CA SER A 369 17.23 7.85 3.56
C SER A 369 16.14 7.75 2.51
N GLY A 370 15.37 6.65 2.55
CA GLY A 370 14.28 6.39 1.62
C GLY A 370 13.13 7.37 1.75
N ILE A 371 12.76 7.72 2.99
CA ILE A 371 11.67 8.69 3.24
C ILE A 371 12.14 10.06 2.76
N ALA A 372 13.39 10.42 3.08
CA ALA A 372 14.02 11.68 2.71
C ALA A 372 14.06 11.86 1.16
N PHE A 373 14.47 10.81 0.41
CA PHE A 373 14.51 10.86 -1.06
C PHE A 373 13.13 11.03 -1.69
N SER A 374 12.07 10.48 -1.05
CA SER A 374 10.70 10.66 -1.54
C SER A 374 10.33 12.17 -1.37
N GLY A 375 10.85 12.79 -0.32
CA GLY A 375 10.69 14.23 -0.08
C GLY A 375 11.38 15.04 -1.17
N VAL A 376 12.61 14.64 -1.55
CA VAL A 376 13.41 15.27 -2.61
C VAL A 376 12.67 15.17 -3.96
N ALA A 377 12.02 14.02 -4.23
CA ALA A 377 11.23 13.78 -5.44
C ALA A 377 10.11 14.80 -5.53
N TRP A 378 9.46 15.08 -4.39
CA TRP A 378 8.35 16.04 -4.32
C TRP A 378 8.83 17.49 -4.38
N ILE A 379 10.13 17.78 -4.05
CA ILE A 379 10.70 19.12 -4.27
C ILE A 379 10.79 19.32 -5.81
N ALA A 380 11.26 18.28 -6.54
CA ALA A 380 11.37 18.27 -7.99
C ALA A 380 9.99 18.41 -8.66
N VAL A 381 8.94 17.65 -8.19
CA VAL A 381 7.56 17.76 -8.74
C VAL A 381 7.00 19.18 -8.58
N GLY A 382 7.23 19.77 -7.40
CA GLY A 382 6.77 21.11 -7.07
C GLY A 382 7.46 22.17 -7.92
N ALA A 383 8.79 22.03 -8.11
CA ALA A 383 9.62 22.94 -8.91
C ALA A 383 9.17 22.88 -10.39
N ILE A 384 8.77 21.69 -10.86
CA ILE A 384 8.26 21.51 -12.21
C ILE A 384 6.92 22.26 -12.32
N GLN A 385 6.05 22.11 -11.30
CA GLN A 385 4.76 22.78 -11.26
C GLN A 385 4.92 24.29 -11.27
N VAL A 386 5.88 24.84 -10.47
CA VAL A 386 6.14 26.29 -10.39
C VAL A 386 6.56 26.84 -11.77
N ALA A 387 7.37 26.07 -12.54
CA ALA A 387 7.79 26.46 -13.89
C ALA A 387 6.56 26.47 -14.80
N MET A 388 5.67 25.48 -14.67
CA MET A 388 4.42 25.37 -15.44
C MET A 388 3.47 26.54 -15.10
N ASP A 389 3.29 26.84 -13.79
CA ASP A 389 2.43 27.92 -13.32
C ASP A 389 2.88 29.30 -13.84
N GLY A 390 4.18 29.48 -14.03
CA GLY A 390 4.79 30.72 -14.53
C GLY A 390 4.78 30.87 -16.05
N GLY A 391 4.05 30.00 -16.73
CA GLY A 391 3.89 30.02 -18.18
C GLY A 391 4.96 29.30 -18.98
N GLU A 392 5.91 28.63 -18.29
CA GLU A 392 6.99 27.92 -18.97
C GLU A 392 6.52 26.59 -19.55
N PRO A 393 6.72 26.33 -20.86
CA PRO A 393 6.32 25.02 -21.41
C PRO A 393 7.26 23.92 -20.91
N MET A 394 6.69 22.90 -20.24
CA MET A 394 7.50 21.83 -19.66
C MET A 394 7.19 20.51 -20.33
N HIS A 395 8.21 19.85 -20.91
CA HIS A 395 8.03 18.56 -21.57
C HIS A 395 7.82 17.53 -20.47
N ILE A 396 6.93 16.56 -20.72
CA ILE A 396 6.63 15.51 -19.74
C ILE A 396 7.89 14.69 -19.30
N ALA A 397 8.95 14.65 -20.15
CA ALA A 397 10.21 13.96 -19.81
C ALA A 397 10.82 14.51 -18.52
N TRP A 398 10.46 15.74 -18.12
CA TRP A 398 10.91 16.31 -16.84
C TRP A 398 10.46 15.45 -15.66
N GLN A 399 9.34 14.69 -15.80
CA GLN A 399 8.86 13.80 -14.70
C GLN A 399 9.82 12.60 -14.43
N ILE A 400 10.79 12.30 -15.35
CA ILE A 400 11.81 11.26 -15.15
C ILE A 400 12.59 11.56 -13.84
N LEU A 401 12.96 12.87 -13.61
CA LEU A 401 13.68 13.31 -12.41
C LEU A 401 12.92 12.90 -11.11
N PRO A 402 11.67 13.33 -10.85
CA PRO A 402 10.99 12.83 -9.63
C PRO A 402 10.70 11.32 -9.67
N TYR A 403 10.52 10.68 -10.85
CA TYR A 403 10.33 9.23 -10.86
C TYR A 403 11.60 8.52 -10.33
N ALA A 404 12.78 8.99 -10.78
CA ALA A 404 14.07 8.41 -10.36
C ALA A 404 14.27 8.58 -8.86
N LEU A 405 14.03 9.80 -8.36
CA LEU A 405 14.18 10.12 -6.94
C LEU A 405 13.22 9.30 -6.09
N LEU A 406 11.93 9.27 -6.48
CA LEU A 406 10.90 8.53 -5.73
C LEU A 406 11.11 7.01 -5.72
N THR A 407 11.50 6.42 -6.88
CA THR A 407 11.75 4.99 -7.01
C THR A 407 13.00 4.60 -6.23
N PHE A 408 14.00 5.52 -6.20
CA PHE A 408 15.20 5.31 -5.37
C PHE A 408 14.75 5.24 -3.90
N GLY A 409 13.88 6.17 -3.50
CA GLY A 409 13.32 6.16 -2.15
C GLY A 409 12.58 4.88 -1.84
N GLU A 410 11.73 4.42 -2.78
CA GLU A 410 10.95 3.19 -2.67
C GLU A 410 11.84 1.98 -2.41
N VAL A 411 12.89 1.78 -3.23
CA VAL A 411 13.86 0.68 -3.10
C VAL A 411 14.55 0.73 -1.71
N LEU A 412 14.81 1.94 -1.21
CA LEU A 412 15.44 2.16 0.10
C LEU A 412 14.50 1.90 1.29
N VAL A 413 13.22 2.33 1.21
CA VAL A 413 12.37 2.16 2.40
C VAL A 413 11.36 1.00 2.23
N SER A 414 10.66 0.93 1.09
CA SER A 414 9.62 -0.08 0.85
C SER A 414 10.15 -1.48 0.76
N ALA A 415 11.23 -1.71 -0.01
CA ALA A 415 11.87 -3.01 -0.12
C ALA A 415 12.55 -3.47 1.21
N THR A 416 13.05 -2.51 2.01
CA THR A 416 13.71 -2.76 3.29
C THR A 416 12.75 -2.99 4.46
N GLY A 417 11.66 -2.21 4.53
CA GLY A 417 10.71 -2.22 5.63
C GLY A 417 10.21 -3.57 6.08
N ILE A 418 9.74 -4.35 5.13
CA ILE A 418 9.13 -5.66 5.39
C ILE A 418 10.20 -6.70 5.76
N GLU A 419 11.38 -6.64 5.12
CA GLU A 419 12.50 -7.52 5.44
C GLU A 419 13.01 -7.18 6.86
N PHE A 420 13.08 -5.87 7.20
CA PHE A 420 13.51 -5.43 8.51
C PHE A 420 12.52 -5.94 9.57
N ALA A 421 11.22 -5.75 9.34
CA ALA A 421 10.22 -6.16 10.33
C ALA A 421 10.24 -7.68 10.56
N TYR A 422 10.43 -8.47 9.49
CA TYR A 422 10.51 -9.93 9.57
C TYR A 422 11.69 -10.37 10.44
N SER A 423 12.87 -9.74 10.26
CA SER A 423 14.09 -10.03 11.01
C SER A 423 13.96 -9.76 12.51
N GLN A 424 13.06 -8.84 12.92
CA GLN A 424 12.87 -8.40 14.33
C GLN A 424 11.70 -9.07 15.04
N ALA A 425 10.68 -9.45 14.31
CA ALA A 425 9.50 -10.07 14.90
C ALA A 425 9.63 -11.60 14.87
N PRO A 426 8.89 -12.38 15.71
CA PRO A 426 9.03 -13.85 15.64
C PRO A 426 8.54 -14.39 14.30
N PRO A 427 9.27 -15.35 13.65
CA PRO A 427 8.82 -15.85 12.34
C PRO A 427 7.40 -16.45 12.32
N SER A 428 6.92 -16.92 13.46
CA SER A 428 5.56 -17.45 13.62
C SER A 428 4.51 -16.33 13.56
N MET A 429 4.92 -15.07 13.81
CA MET A 429 4.05 -13.89 13.78
C MET A 429 4.17 -13.07 12.48
N LYS A 430 4.67 -13.69 11.38
CA LYS A 430 4.87 -13.09 10.05
C LYS A 430 3.58 -12.53 9.43
N GLY A 431 2.45 -13.18 9.73
CA GLY A 431 1.14 -12.79 9.24
C GLY A 431 0.69 -11.46 9.80
N VAL A 432 1.02 -11.21 11.08
CA VAL A 432 0.73 -9.98 11.81
C VAL A 432 1.56 -8.83 11.20
N VAL A 433 2.87 -9.09 10.94
CA VAL A 433 3.78 -8.12 10.33
C VAL A 433 3.20 -7.66 8.99
N MET A 434 2.78 -8.63 8.16
CA MET A 434 2.21 -8.37 6.85
C MET A 434 0.90 -7.57 6.92
N SER A 435 0.02 -7.90 7.88
CA SER A 435 -1.23 -7.16 8.07
C SER A 435 -0.92 -5.69 8.39
N PHE A 436 0.06 -5.43 9.28
CA PHE A 436 0.47 -4.08 9.66
C PHE A 436 1.10 -3.34 8.49
N TRP A 437 1.85 -4.05 7.62
CA TRP A 437 2.49 -3.47 6.42
C TRP A 437 1.43 -3.01 5.42
N TYR A 438 0.38 -3.84 5.20
CA TYR A 438 -0.72 -3.45 4.31
C TYR A 438 -1.43 -2.21 4.85
N LEU A 439 -1.65 -2.17 6.17
CA LEU A 439 -2.28 -1.03 6.81
C LEU A 439 -1.43 0.25 6.73
N THR A 440 -0.09 0.11 6.55
CA THR A 440 0.84 1.23 6.38
C THR A 440 0.47 2.00 5.11
N THR A 441 0.16 1.28 4.01
CA THR A 441 -0.32 1.88 2.75
C THR A 441 -1.70 2.47 2.97
N THR A 442 -2.63 1.74 3.65
CA THR A 442 -3.98 2.25 3.92
C THR A 442 -3.84 3.63 4.59
N VAL A 443 -3.03 3.71 5.68
CA VAL A 443 -2.87 4.95 6.47
C VAL A 443 -2.16 6.05 5.64
N GLY A 444 -1.13 5.72 4.84
CA GLY A 444 -0.52 6.72 3.97
C GLY A 444 -1.52 7.34 2.99
N ASN A 445 -2.46 6.52 2.46
CA ASN A 445 -3.51 7.00 1.55
C ASN A 445 -4.53 7.86 2.28
N LEU A 446 -4.76 7.60 3.60
CA LEU A 446 -5.64 8.42 4.41
C LEU A 446 -5.06 9.83 4.49
N TRP A 447 -3.72 9.98 4.67
CA TRP A 447 -3.11 11.32 4.77
C TRP A 447 -3.38 12.15 3.50
N VAL A 448 -3.45 11.48 2.32
CA VAL A 448 -3.74 12.16 1.04
C VAL A 448 -5.19 12.65 1.09
N LEU A 449 -6.14 11.76 1.47
CA LEU A 449 -7.56 12.12 1.59
C LEU A 449 -7.76 13.30 2.53
N LEU A 450 -7.04 13.29 3.68
CA LEU A 450 -7.11 14.37 4.67
C LEU A 450 -6.60 15.69 4.13
N SER A 451 -5.52 15.65 3.31
CA SER A 451 -4.95 16.85 2.68
C SER A 451 -5.94 17.49 1.67
N ASN A 452 -6.75 16.67 0.97
N ASN A 452 -6.75 16.69 0.94
CA ASN A 452 -7.78 17.09 0.01
CA ASN A 452 -7.72 17.23 -0.03
C ASN A 452 -8.87 17.90 0.68
C ASN A 452 -8.89 17.93 0.67
N VAL A 453 -9.24 17.51 1.90
CA VAL A 453 -10.29 18.14 2.71
C VAL A 453 -9.75 19.47 3.23
N ALA A 454 -8.52 19.46 3.79
CA ALA A 454 -7.84 20.63 4.35
C ALA A 454 -7.74 21.79 3.35
N VAL A 455 -7.35 21.52 2.07
CA VAL A 455 -7.23 22.57 1.04
C VAL A 455 -8.60 23.11 0.59
N ARG A 456 -9.66 22.29 0.69
CA ARG A 456 -11.02 22.68 0.27
C ARG A 456 -11.65 23.71 1.19
N ASN A 457 -11.04 23.91 2.37
CA ASN A 457 -11.47 24.90 3.36
C ASN A 457 -11.15 26.30 2.82
N ALA A 458 -12.17 27.18 2.79
CA ALA A 458 -12.11 28.57 2.29
C ALA A 458 -10.98 29.40 2.92
N THR A 459 -10.67 29.17 4.21
CA THR A 459 -9.60 29.85 4.93
C THR A 459 -8.24 29.39 4.39
N VAL A 460 -8.03 28.06 4.29
CA VAL A 460 -6.80 27.45 3.76
C VAL A 460 -6.63 27.90 2.30
N THR A 461 -7.74 27.91 1.51
CA THR A 461 -7.80 28.36 0.11
C THR A 461 -7.29 29.80 -0.03
N SER A 462 -7.74 30.71 0.85
CA SER A 462 -7.30 32.12 0.87
C SER A 462 -5.81 32.21 1.16
N HIS A 463 -5.30 31.44 2.17
CA HIS A 463 -3.87 31.38 2.51
C HIS A 463 -3.04 30.86 1.29
N ILE A 464 -3.59 29.90 0.53
CA ILE A 464 -2.95 29.35 -0.68
C ILE A 464 -2.94 30.41 -1.80
N ALA A 465 -4.10 31.06 -2.04
CA ALA A 465 -4.26 32.12 -3.04
C ALA A 465 -3.33 33.31 -2.80
N ASP A 466 -2.91 33.52 -1.53
CA ASP A 466 -2.01 34.59 -1.11
C ASP A 466 -0.54 34.18 -1.20
N THR A 467 -0.28 32.87 -1.15
CA THR A 467 1.07 32.29 -1.16
C THR A 467 1.78 32.47 -2.52
N GLY A 468 1.01 32.74 -3.58
CA GLY A 468 1.52 32.91 -4.93
C GLY A 468 1.44 31.62 -5.74
N LEU A 469 1.67 30.48 -5.06
CA LEU A 469 1.64 29.14 -5.65
C LEU A 469 0.22 28.69 -5.98
N SER A 470 0.07 27.84 -7.01
CA SER A 470 -1.21 27.22 -7.36
C SER A 470 -1.50 26.19 -6.25
N GLU A 471 -2.74 25.66 -6.20
CA GLU A 471 -3.15 24.64 -5.23
C GLU A 471 -2.29 23.37 -5.41
N ALA A 472 -2.07 22.94 -6.66
CA ALA A 472 -1.24 21.78 -6.98
C ALA A 472 0.21 22.00 -6.44
N ALA A 473 0.85 23.16 -6.75
CA ALA A 473 2.21 23.49 -6.32
C ALA A 473 2.33 23.57 -4.80
N PHE A 474 1.32 24.17 -4.12
CA PHE A 474 1.28 24.24 -2.66
C PHE A 474 1.29 22.82 -2.06
N LEU A 475 0.38 21.94 -2.54
CA LEU A 475 0.23 20.56 -2.10
C LEU A 475 1.49 19.75 -2.33
N MET A 476 2.19 19.98 -3.45
CA MET A 476 3.43 19.28 -3.76
C MET A 476 4.53 19.61 -2.74
N PHE A 477 4.68 20.90 -2.43
CA PHE A 477 5.65 21.37 -1.42
C PHE A 477 5.26 20.93 -0.01
N PHE A 478 3.96 20.87 0.27
CA PHE A 478 3.44 20.36 1.54
C PHE A 478 3.85 18.88 1.72
N PHE A 479 3.63 18.02 0.70
CA PHE A 479 4.01 16.62 0.82
C PHE A 479 5.51 16.41 0.98
N ALA A 480 6.35 17.22 0.28
CA ALA A 480 7.82 17.21 0.43
C ALA A 480 8.20 17.50 1.88
N ALA A 481 7.60 18.55 2.48
CA ALA A 481 7.85 18.96 3.88
C ALA A 481 7.42 17.85 4.85
N PHE A 482 6.26 17.22 4.59
CA PHE A 482 5.67 16.13 5.38
C PHE A 482 6.62 14.92 5.37
N ALA A 483 7.23 14.61 4.21
CA ALA A 483 8.18 13.50 4.09
C ALA A 483 9.48 13.83 4.84
N PHE A 484 9.97 15.08 4.74
CA PHE A 484 11.19 15.50 5.44
C PHE A 484 11.01 15.42 6.95
N LEU A 485 9.81 15.84 7.45
CA LEU A 485 9.48 15.79 8.87
CA LEU A 485 9.48 15.79 8.87
C LEU A 485 9.40 14.32 9.31
N ALA A 486 8.84 13.46 8.45
CA ALA A 486 8.70 12.02 8.72
C ALA A 486 10.07 11.39 8.76
N ALA A 487 10.98 11.76 7.83
CA ALA A 487 12.36 11.25 7.78
C ALA A 487 13.08 11.58 9.09
N LEU A 488 12.88 12.83 9.57
CA LEU A 488 13.46 13.31 10.82
C LEU A 488 12.92 12.50 12.01
N ALA A 489 11.58 12.32 12.10
CA ALA A 489 10.94 11.58 13.21
C ALA A 489 11.38 10.12 13.17
N PHE A 490 11.39 9.51 11.97
CA PHE A 490 11.86 8.13 11.78
C PHE A 490 13.31 7.98 12.29
N GLY A 491 14.19 8.87 11.85
CA GLY A 491 15.62 8.85 12.19
C GLY A 491 15.90 8.95 13.67
N LEU A 492 15.10 9.78 14.38
CA LEU A 492 15.28 9.96 15.83
C LEU A 492 14.82 8.71 16.57
N TYR A 493 13.74 8.07 16.08
CA TYR A 493 13.23 6.82 16.66
C TYR A 493 14.25 5.68 16.38
N ALA A 494 14.74 5.59 15.12
CA ALA A 494 15.72 4.61 14.64
C ALA A 494 17.01 4.68 15.46
N ARG A 495 17.44 5.90 15.83
CA ARG A 495 18.63 6.14 16.64
C ARG A 495 18.61 5.34 17.96
N ARG A 496 17.46 5.26 18.63
CA ARG A 496 17.31 4.57 19.90
C ARG A 496 16.84 3.11 19.75
N TYR A 497 16.60 2.67 18.51
CA TYR A 497 16.16 1.30 18.27
C TYR A 497 17.31 0.30 18.47
N ARG A 498 17.09 -0.73 19.26
CA ARG A 498 18.08 -1.79 19.46
C ARG A 498 17.75 -3.00 18.53
N MET A 499 18.64 -3.27 17.57
CA MET A 499 18.48 -4.41 16.66
C MET A 499 18.60 -5.72 17.48
N VAL A 500 17.58 -6.60 17.41
CA VAL A 500 17.55 -7.93 18.05
C VAL A 500 17.00 -8.87 16.97
N ASP A 501 17.89 -9.43 16.16
CA ASP A 501 17.56 -10.32 15.04
C ASP A 501 16.99 -11.65 15.48
N ASN A 502 16.17 -12.29 14.62
CA ASN A 502 15.63 -13.63 14.97
C ASN A 502 16.52 -14.76 14.42
N TYR A 503 17.45 -14.42 13.50
CA TYR A 503 18.43 -15.31 12.87
C TYR A 503 17.79 -16.45 12.07
N ARG A 504 16.65 -16.14 11.40
CA ARG A 504 15.92 -17.08 10.56
C ARG A 504 15.92 -16.55 9.12
N PRO A 505 16.64 -17.23 8.18
CA PRO A 505 16.67 -16.73 6.78
C PRO A 505 15.32 -16.67 6.10
N ALA A 506 15.10 -15.60 5.30
CA ALA A 506 13.86 -15.33 4.56
C ALA A 506 14.10 -15.39 3.05
N ASN A 510 12.16 -13.12 -0.88
CA ASN A 510 11.94 -11.84 -0.20
C ASN A 510 11.83 -10.64 -1.15
N LEU A 511 12.27 -10.79 -2.43
CA LEU A 511 12.16 -9.74 -3.47
C LEU A 511 10.69 -9.38 -3.77
N TYR A 512 9.77 -10.04 -3.06
CA TYR A 512 8.32 -9.88 -3.16
C TYR A 512 7.88 -8.84 -2.13
N PHE A 513 8.16 -7.55 -2.45
CA PHE A 513 7.82 -6.43 -1.58
C PHE A 513 6.66 -5.58 -2.15
N GLN A 514 6.49 -5.58 -3.48
CA GLN A 514 5.45 -4.78 -4.13
C GLN A 514 4.04 -5.36 -3.96
O21 78M B . -13.77 -24.14 -3.20
C20 78M B . -15.17 -24.15 -2.96
C18 78M B . -15.87 -23.12 -3.82
O19 78M B . -17.18 -22.88 -3.32
C17 78M B . -15.95 -23.54 -5.28
O2 78M B . -16.45 -22.39 -5.99
C1 78M B . -16.44 -22.43 -7.33
O1 78M B . -15.94 -23.33 -7.97
C2 78M B . -17.14 -21.24 -7.92
C3 78M B . -17.03 -21.10 -9.44
C4 78M B . -15.65 -20.69 -9.91
C5 78M B . -15.57 -20.35 -11.40
C6 78M B . -14.16 -20.29 -11.95
C7 78M B . -14.05 -19.58 -13.27
C8 78M B . -14.22 -20.09 -14.49
C9 78M B . -14.60 -21.48 -14.89
C10 78M B . -14.63 -21.69 -16.40
C11 78M B . -13.27 -21.90 -17.05
C12 78M B . -13.23 -21.61 -18.54
C13 78M B . -11.91 -22.01 -19.21
C15 78M B . -11.06 -20.03 -20.61
C14 78M B . -11.68 -21.42 -20.60
O21 78M C . 23.77 8.05 12.78
C20 78M C . 22.55 8.44 13.40
C18 78M C . 22.05 9.75 12.85
O19 78M C . 23.00 10.79 13.11
C17 78M C . 20.70 10.15 13.40
O2 78M C . 20.36 11.35 12.66
C1 78M C . 19.05 11.66 12.52
O1 78M C . 18.15 10.99 12.95
C2 78M C . 18.89 12.95 11.75
C3 78M C . 17.70 12.96 10.80
C4 78M C . 17.88 12.08 9.57
C5 78M C . 17.81 12.80 8.23
C6 78M C . 16.42 13.31 7.86
C7 78M C . 16.37 13.96 6.51
C8 78M C . 16.24 15.25 6.24
C9 78M C . 16.14 16.39 7.22
C10 78M C . 14.72 16.92 7.35
C11 78M C . 14.57 18.01 8.42
C12 78M C . 13.14 18.52 8.60
C13 78M C . 12.67 19.56 7.59
C15 78M C . 10.73 20.83 6.58
C14 78M C . 11.22 19.95 7.72
O21 78M D . -14.88 0.71 -30.26
C20 78M D . -16.12 0.09 -29.95
C18 78M D . -16.72 0.65 -28.70
O19 78M D . -15.70 1.07 -27.79
C17 78M D . -17.66 -0.32 -28.01
O2 78M D . -16.87 -1.51 -27.78
C1 78M D . -17.12 -2.26 -26.71
O1 78M D . -17.86 -1.94 -25.81
C2 78M D . -16.39 -3.57 -26.79
C3 78M D . -15.23 -3.70 -25.83
C4 78M D . -14.54 -5.03 -25.99
C5 78M D . -13.42 -5.32 -25.02
C6 78M D . -12.84 -6.72 -25.21
C7 78M D . -11.67 -7.02 -24.33
C8 78M D . -10.55 -7.63 -24.65
C9 78M D . -10.14 -8.14 -26.00
C10 78M D . -8.86 -7.49 -26.51
C11 78M D . -7.61 -8.35 -26.40
C12 78M D . -7.11 -8.64 -24.98
C13 78M D . -5.90 -9.56 -24.93
C15 78M D . -6.22 -11.18 -23.02
C14 78M D . -5.46 -9.97 -23.54
O21 78M E . 12.93 19.15 -23.93
C20 78M E . 13.16 19.40 -22.55
C18 78M E . 13.93 18.28 -21.90
O19 78M E . 13.29 17.03 -22.15
C17 78M E . 14.07 18.47 -20.42
O2 78M E . 15.01 17.50 -19.88
C1 78M E . 14.53 16.41 -19.27
O1 78M E . 13.40 16.02 -19.40
C2 78M E . 15.56 15.78 -18.39
C3 78M E . 14.98 15.31 -17.05
C4 78M E . 16.03 14.95 -16.00
C5 78M E . 16.56 13.53 -16.06
C6 78M E . 17.26 13.08 -14.78
C7 78M E . 17.97 11.78 -14.91
C8 78M E . 17.81 10.71 -14.14
C9 78M E . 18.52 9.40 -14.27
C10 78M E . 17.81 8.36 -15.14
C11 78M E . 18.02 8.52 -16.65
C12 78M E . 19.28 7.86 -17.22
C13 78M E . 19.31 7.81 -18.74
C15 78M E . 20.43 6.90 -20.83
C14 78M E . 20.48 7.03 -19.32
O21 78M F . 12.42 25.85 -17.57
C20 78M F . 12.22 25.56 -16.19
C18 78M F . 13.51 25.14 -15.54
O19 78M F . 14.00 23.94 -16.13
C17 78M F . 13.41 25.01 -14.03
O2 78M F . 12.76 23.77 -13.67
C1 78M F . 13.53 22.76 -13.23
O1 78M F . 14.72 22.72 -13.39
C2 78M F . 12.71 21.73 -12.50
C3 78M F . 13.53 20.52 -12.04
C4 78M F . 13.50 20.31 -10.53
C5 78M F . 14.70 20.84 -9.78
C6 78M F . 14.55 20.74 -8.26
C7 78M F . 15.56 19.86 -7.60
C8 78M F . 15.45 18.56 -7.38
C9 78M F . 16.45 17.67 -6.73
C10 78M F . 17.75 17.49 -7.53
C11 78M F . 18.95 17.05 -6.70
C12 78M F . 19.07 15.55 -6.49
C13 78M F . 20.07 15.16 -5.41
C15 78M F . 21.27 13.33 -4.17
C14 78M F . 20.28 13.67 -5.26
O21 78M G . -16.57 13.46 -2.64
C20 78M G . -17.57 12.48 -2.91
C18 78M G . -16.97 11.29 -3.61
O19 78M G . -16.65 11.60 -4.97
C17 78M G . -17.87 10.06 -3.56
O2 78M G . -17.05 8.95 -3.12
C1 78M G . -16.47 8.17 -4.04
O1 78M G . -16.47 8.41 -5.22
C2 78M G . -15.80 6.99 -3.42
C3 78M G . -15.81 5.73 -4.27
C4 78M G . -14.58 4.88 -4.04
C5 78M G . -14.70 3.44 -4.46
C6 78M G . -13.67 2.53 -3.80
C7 78M G . -14.09 2.08 -2.43
C8 78M G . -13.42 1.26 -1.63
C9 78M G . -13.85 0.80 -0.28
C10 78M G . -13.19 1.56 0.86
C11 78M G . -13.27 0.84 2.20
C12 78M G . -12.58 1.61 3.31
C13 78M G . -12.33 0.83 4.59
C15 78M G . -11.36 0.94 6.92
C14 78M G . -11.46 1.59 5.56
O21 78M H . -18.59 18.29 1.16
C20 78M H . -18.69 17.17 2.01
C18 78M H . -17.53 16.21 1.82
O19 78M H . -16.29 16.92 1.92
C17 78M H . -17.59 15.46 0.51
O2 78M H . -18.68 14.50 0.65
C1 78M H . -18.40 13.22 0.91
O1 78M H . -17.28 12.79 1.03
C2 78M H . -19.64 12.40 1.04
C3 78M H . -19.70 11.20 0.10
C4 78M H . -19.10 9.94 0.69
C5 78M H . -19.11 8.74 -0.25
C6 78M H . -18.91 7.40 0.44
C7 78M H . -18.63 6.30 -0.55
C8 78M H . -18.24 5.06 -0.30
C9 78M H . -17.98 4.41 1.02
C10 78M H . -17.74 2.91 0.89
C11 78M H . -17.66 2.16 2.21
C12 78M H . -17.66 0.65 2.06
C13 78M H . -17.79 -0.12 3.37
C15 78M H . -16.67 -1.24 5.33
C14 78M H . -16.48 -0.41 4.09
O21 78M I . -0.54 6.47 -30.58
C20 78M I . -1.00 7.05 -31.80
C18 78M I . -0.31 6.45 -33.00
O19 78M I . -0.54 7.28 -34.15
C17 78M I . -0.76 5.04 -33.31
O2 78M I . -0.65 4.23 -32.11
C1 78M I . 0.51 3.63 -31.82
O1 78M I . 1.54 3.85 -32.41
C2 78M I . 0.37 2.66 -30.69
C3 78M I . 1.17 1.39 -30.86
C4 78M I . 1.13 0.49 -29.64
C5 78M I . 0.72 -0.94 -29.96
C6 78M I . 0.47 -1.79 -28.74
C7 78M I . 1.59 -2.73 -28.43
C8 78M I . 1.54 -4.06 -28.36
C9 78M I . 0.34 -4.92 -28.59
C10 78M I . 0.54 -6.36 -28.11
C11 78M I . -0.53 -7.32 -28.60
C12 78M I . -0.41 -8.74 -28.06
C13 78M I . -1.41 -9.08 -26.96
C15 78M I . -0.37 -11.12 -25.80
C14 78M I . -0.79 -9.66 -25.69
O21 78M J . 23.80 3.01 15.54
C20 78M J . 22.43 3.08 15.20
C18 78M J . 22.13 4.33 14.41
O19 78M J . 22.55 5.50 15.15
C17 78M J . 20.66 4.46 14.04
O2 78M J . 20.53 5.67 13.28
C1 78M J . 19.77 5.64 12.18
O1 78M J . 19.27 4.63 11.73
C2 78M J . 19.61 7.01 11.58
C3 78M J . 19.66 7.01 10.06
C4 78M J . 20.03 8.35 9.46
C5 78M J . 20.43 8.25 7.99
C6 78M J . 20.62 9.58 7.29
C7 78M J . 21.19 9.40 5.92
C8 78M J . 21.10 10.22 4.87
C9 78M J . 20.41 11.56 4.79
C10 78M J . 19.07 11.49 4.04
C11 78M J . 19.15 11.51 2.52
C12 78M J . 19.35 12.88 1.86
C13 78M J . 18.20 13.87 2.06
C15 78M J . 17.48 16.28 2.16
C14 78M J . 18.49 15.29 1.64
O21 78M K . 12.65 16.27 -24.69
C20 78M K . 12.92 15.47 -25.83
C18 78M K . 12.34 14.09 -25.65
O19 78M K . 12.91 13.45 -24.50
C17 78M K . 12.55 13.21 -26.87
O2 78M K . 11.66 12.09 -26.64
C1 78M K . 10.68 11.84 -27.50
O1 78M K . 10.58 12.34 -28.60
C2 78M K . 9.68 10.88 -26.93
C3 78M K . 8.72 11.59 -25.96
C4 78M K . 7.89 10.63 -25.14
C5 78M K . 7.48 11.19 -23.79
C6 78M K . 8.61 11.28 -22.75
C7 78M K . 9.03 9.91 -22.32
C8 78M K . 9.71 9.59 -21.24
C9 78M K . 10.09 8.19 -20.84
C10 78M K . 8.95 7.48 -20.09
C11 78M K . 8.01 6.62 -20.94
C12 78M K . 8.52 5.22 -21.27
C13 78M K . 8.67 4.31 -20.04
C15 78M K . 9.55 2.15 -19.12
C14 78M K . 9.41 3.02 -20.34
O21 78M L . -6.79 8.51 -34.41
C20 78M L . -5.73 7.89 -35.14
C18 78M L . -4.46 7.87 -34.33
O19 78M L . -3.33 7.64 -35.18
C17 78M L . -4.49 6.88 -33.20
O2 78M L . -4.08 5.58 -33.67
C1 78M L . -4.99 4.60 -33.73
O1 78M L . -6.19 4.78 -33.66
C2 78M L . -4.34 3.26 -33.87
C3 78M L . -4.58 2.31 -32.69
C4 78M L . -3.70 2.61 -31.49
C5 78M L . -3.24 1.38 -30.72
C6 78M L . -4.06 1.05 -29.48
C7 78M L . -3.35 0.13 -28.51
C8 78M L . -3.40 -1.20 -28.44
C9 78M L . -4.17 -2.14 -29.34
C10 78M L . -4.11 -3.61 -28.92
C11 78M L . -5.31 -4.09 -28.12
C12 78M L . -5.46 -5.60 -27.96
C13 78M L . -4.41 -6.33 -27.12
C15 78M L . -3.48 -6.85 -24.82
C14 78M L . -4.45 -6.01 -25.63
O21 78M M . 4.52 6.10 -35.96
C20 78M M . 3.38 5.95 -35.13
C18 78M M . 3.32 7.02 -34.07
O19 78M M . 3.43 8.30 -34.68
C17 78M M . 4.42 6.85 -33.02
O2 78M M . 3.88 5.88 -32.09
C1 78M M . 4.71 5.33 -31.19
O1 78M M . 5.90 5.53 -31.17
C2 78M M . 3.96 4.47 -30.22
C3 78M M . 4.75 3.32 -29.61
C4 78M M . 4.28 2.99 -28.21
C5 78M M . 4.47 1.54 -27.79
C6 78M M . 4.22 1.28 -26.31
C7 78M M . 4.21 -0.18 -25.93
C8 78M M . 5.24 -1.01 -25.78
C9 78M M . 6.71 -0.70 -25.95
C10 78M M . 7.61 -1.37 -24.92
C11 78M M . 8.85 -0.54 -24.58
C12 78M M . 9.70 -1.12 -23.44
C13 78M M . 10.45 -0.07 -22.61
C15 78M M . 12.29 1.67 -22.46
C14 78M M . 11.63 0.60 -23.30
O21 78M N . 21.93 -3.32 -16.01
C20 78M N . 23.17 -3.98 -15.88
C18 78M N . 23.27 -5.15 -16.83
O19 78M N . 22.27 -6.13 -16.53
C17 78M N . 24.65 -5.79 -16.88
O2 78M N . 24.83 -6.43 -15.60
C1 78M N . 25.09 -7.75 -15.58
O1 78M N . 25.17 -8.44 -16.57
C2 78M N . 25.26 -8.25 -14.18
C3 78M N . 23.95 -8.66 -13.50
C4 78M N . 23.16 -7.48 -12.95
C5 78M N . 21.82 -7.83 -12.33
C6 78M N . 20.68 -8.12 -13.33
C7 78M N . 20.20 -6.92 -14.09
C8 78M N . 19.06 -6.27 -13.89
C9 78M N . 18.56 -5.10 -14.65
C10 78M N . 17.16 -5.35 -15.22
C11 78M N . 16.67 -4.27 -16.17
C12 78M N . 15.29 -4.54 -16.75
C13 78M N . 14.86 -3.60 -17.87
C15 78M N . 15.16 -2.89 -20.29
C14 78M N . 15.45 -3.94 -19.23
O21 78M O . 9.34 2.20 21.23
C20 78M O . 8.16 1.44 21.41
C18 78M O . 6.93 2.33 21.46
O19 78M O . 7.06 3.25 22.54
C17 78M O . 5.66 1.54 21.62
O2 78M O . 4.59 2.44 21.21
C1 78M O . 3.39 1.90 20.96
O1 78M O . 3.09 0.76 21.19
C2 78M O . 2.48 2.91 20.32
C3 78M O . 2.03 2.52 18.92
C4 78M O . 1.99 3.69 17.96
C5 78M O . 0.61 4.05 17.44
C6 78M O . 0.11 3.17 16.29
C7 78M O . 0.17 3.86 14.96
C8 78M O . -0.84 4.28 14.23
C9 78M O . -0.75 4.97 12.91
C10 78M O . -0.62 6.48 13.07
C11 78M O . 0.47 7.13 12.23
C12 78M O . 1.08 8.36 12.89
C13 78M O . 2.29 8.96 12.17
C15 78M O . 3.13 10.63 10.50
C14 78M O . 1.95 9.83 10.97
C8 78M P . 8.78 28.41 -4.18
C9 78M P . 9.59 27.86 -3.06
C10 78M P . 8.75 27.02 -2.08
C11 78M P . 9.58 26.21 -1.11
C12 78M P . 8.78 25.32 -0.16
C13 78M P . 9.61 24.23 0.49
C15 78M P . 9.70 22.24 2.05
C14 78M P . 8.86 23.37 1.50
C8 78M Q . 10.89 26.64 -7.72
C9 78M Q . 11.94 25.87 -7.01
C10 78M Q . 11.59 25.57 -5.54
C11 78M Q . 12.71 24.91 -4.76
C12 78M Q . 12.50 24.89 -3.26
C13 78M Q . 13.71 24.38 -2.46
C15 78M Q . 14.70 23.84 -0.20
C14 78M Q . 13.47 24.32 -0.96
O21 78M R . -13.27 -6.43 8.48
C20 78M R . -14.67 -6.62 8.29
C18 78M R . -15.15 -5.86 7.08
O19 78M R . -15.24 -4.47 7.39
C17 78M R . -16.47 -6.39 6.55
O2 78M R . -16.66 -5.64 5.33
C1 78M R . -17.77 -5.89 4.59
O1 78M R . -18.45 -6.87 4.71
C2 78M R . -18.06 -4.73 3.69
C3 78M R . -17.83 -5.03 2.21
C4 78M R . -18.97 -4.51 1.36
C5 78M R . -18.64 -4.30 -0.10
C6 78M R . -17.92 -2.98 -0.39
C7 78M R . -17.99 -2.70 -1.86
C8 78M R . -18.44 -1.61 -2.48
C9 78M R . -18.93 -0.32 -1.90
C10 78M R . -18.80 0.78 -2.97
C11 78M R . -19.62 2.03 -2.70
C12 78M R . -20.07 2.70 -3.98
C13 78M R . -20.96 3.92 -3.77
C15 78M R . -22.40 5.69 -4.87
C14 78M R . -21.75 4.33 -5.00
#